data_5FA8
#
_entry.id   5FA8
#
_cell.length_a   48.301
_cell.length_b   57.993
_cell.length_c   55.725
_cell.angle_alpha   90.00
_cell.angle_beta   100.93
_cell.angle_gamma   90.00
#
_symmetry.space_group_name_H-M   'C 1 2 1'
#
loop_
_entity.id
_entity.type
_entity.pdbx_description
1 polymer 'Ribosomal protein L11 methyltransferase, putative'
2 non-polymer S-ADENOSYLMETHIONINE
3 non-polymer 'MAGNESIUM ION'
4 water water
#
_entity_poly.entity_id   1
_entity_poly.type   'polypeptide(L)'
_entity_poly.pdbx_seq_one_letter_code
;(MSE)SYVPHVPYVPTPEKVVRR(MSE)LEIAKVSQDDIVYDLGCGDGRIIITAAKDFNVKKAVGVEINDERIREALANI
EKNGVTGRASIVKGNFFEVDISEATVVT(MSE)FLLTNVNE(MSE)LKPKLEKELKPGTRVVSHEFEIRGWNPKEVIKVE
DGN(MSE)NHTVYLYVIGEHK
;
_entity_poly.pdbx_strand_id   A
#
# COMPACT_ATOMS: atom_id res chain seq x y z
N TYR A 3 8.38 -23.72 -11.19
CA TYR A 3 8.15 -22.28 -11.07
C TYR A 3 6.67 -21.98 -10.91
N VAL A 4 6.38 -20.75 -10.48
CA VAL A 4 5.01 -20.33 -10.28
C VAL A 4 4.46 -19.75 -11.59
N PRO A 5 3.40 -20.36 -12.11
CA PRO A 5 2.80 -19.92 -13.39
C PRO A 5 2.13 -18.56 -13.28
N HIS A 6 1.60 -18.07 -14.40
CA HIS A 6 0.94 -16.77 -14.48
C HIS A 6 -0.26 -16.71 -13.54
N VAL A 7 -0.38 -15.60 -12.82
CA VAL A 7 -1.49 -15.36 -11.90
C VAL A 7 -2.06 -13.97 -12.19
N PRO A 8 -3.37 -13.88 -12.47
CA PRO A 8 -3.99 -12.58 -12.75
C PRO A 8 -3.95 -11.68 -11.53
N TYR A 9 -3.87 -10.37 -11.77
CA TYR A 9 -3.90 -9.43 -10.66
C TYR A 9 -4.62 -8.16 -11.05
N VAL A 10 -4.93 -7.38 -10.02
CA VAL A 10 -5.67 -6.16 -10.18
C VAL A 10 -4.87 -5.01 -9.60
N PRO A 11 -4.27 -4.18 -10.46
CA PRO A 11 -3.55 -3.03 -9.90
C PRO A 11 -4.49 -1.86 -9.57
N THR A 12 -4.05 -0.95 -8.72
CA THR A 12 -4.81 0.27 -8.47
C THR A 12 -4.52 1.27 -9.58
N PRO A 13 -5.57 1.83 -10.21
CA PRO A 13 -5.32 2.87 -11.22
C PRO A 13 -4.51 4.03 -10.66
N GLU A 14 -3.66 4.62 -11.50
CA GLU A 14 -2.75 5.68 -11.08
C GLU A 14 -3.47 6.82 -10.34
N LYS A 15 -4.64 7.23 -10.81
CA LYS A 15 -5.33 8.33 -10.14
C LYS A 15 -5.73 7.97 -8.72
N VAL A 16 -6.14 6.72 -8.53
CA VAL A 16 -6.56 6.28 -7.21
C VAL A 16 -5.34 6.16 -6.29
N VAL A 17 -4.20 5.73 -6.84
CA VAL A 17 -2.96 5.72 -6.05
C VAL A 17 -2.64 7.12 -5.52
N ARG A 18 -2.64 8.10 -6.41
CA ARG A 18 -2.38 9.47 -6.00
C ARG A 18 -3.38 9.94 -4.93
N ARG A 19 -4.65 9.70 -5.15
CA ARG A 19 -5.68 10.15 -4.22
C ARG A 19 -5.52 9.46 -2.85
N LEU A 21 -2.72 8.48 -1.45
CA LEU A 21 -1.60 9.11 -0.78
C LEU A 21 -1.94 10.55 -0.34
N GLU A 22 -2.76 11.25 -1.13
CA GLU A 22 -3.21 12.58 -0.74
C GLU A 22 -4.09 12.50 0.50
N ILE A 23 -4.99 11.53 0.52
CA ILE A 23 -5.97 11.37 1.58
C ILE A 23 -5.28 11.06 2.90
N ALA A 24 -4.21 10.27 2.83
CA ALA A 24 -3.42 9.93 4.01
C ALA A 24 -2.40 11.03 4.33
N LYS A 25 -2.42 12.13 3.57
CA LYS A 25 -1.49 13.24 3.73
C LYS A 25 -0.04 12.78 3.77
N VAL A 26 0.33 11.92 2.84
CA VAL A 26 1.69 11.42 2.74
C VAL A 26 2.70 12.54 2.49
N SER A 27 3.74 12.58 3.32
CA SER A 27 4.79 13.59 3.20
C SER A 27 6.19 12.96 3.31
N GLN A 28 7.21 13.81 3.21
CA GLN A 28 8.61 13.37 3.16
C GLN A 28 9.08 12.57 4.36
N ASP A 29 8.50 12.82 5.53
CA ASP A 29 8.94 12.15 6.76
C ASP A 29 8.30 10.77 6.93
N ASP A 30 7.45 10.38 5.99
CA ASP A 30 6.70 9.14 6.13
C ASP A 30 7.46 7.93 5.63
N ILE A 31 7.11 6.78 6.21
CA ILE A 31 7.57 5.48 5.74
C ILE A 31 6.32 4.74 5.30
N VAL A 32 6.23 4.45 4.00
CA VAL A 32 5.02 3.85 3.44
C VAL A 32 5.22 2.36 3.19
N TYR A 33 4.31 1.54 3.72
CA TYR A 33 4.29 0.11 3.42
C TYR A 33 3.05 -0.22 2.59
N ASP A 34 3.23 -0.93 1.49
CA ASP A 34 2.10 -1.41 0.69
C ASP A 34 2.00 -2.92 0.88
N LEU A 35 0.89 -3.38 1.43
CA LEU A 35 0.66 -4.80 1.68
C LEU A 35 0.11 -5.49 0.45
N GLY A 36 0.96 -6.23 -0.24
CA GLY A 36 0.60 -6.83 -1.51
C GLY A 36 0.86 -5.83 -2.63
N CYS A 37 2.13 -5.55 -2.91
CA CYS A 37 2.44 -4.36 -3.68
C CYS A 37 2.34 -4.51 -5.19
N GLY A 38 2.13 -5.72 -5.68
CA GLY A 38 1.96 -5.91 -7.12
C GLY A 38 3.13 -5.40 -7.91
N ASP A 39 2.87 -4.60 -8.94
CA ASP A 39 3.93 -4.07 -9.79
C ASP A 39 4.68 -2.88 -9.15
N GLY A 40 4.36 -2.56 -7.89
CA GLY A 40 5.12 -1.59 -7.14
C GLY A 40 4.65 -0.16 -7.28
N ARG A 41 3.55 0.08 -7.99
CA ARG A 41 3.17 1.45 -8.32
C ARG A 41 2.88 2.33 -7.10
N ILE A 42 2.36 1.76 -6.02
CA ILE A 42 2.05 2.61 -4.87
C ILE A 42 3.34 3.07 -4.18
N ILE A 43 4.28 2.15 -3.97
CA ILE A 43 5.51 2.56 -3.30
C ILE A 43 6.37 3.44 -4.21
N ILE A 44 6.28 3.21 -5.52
CA ILE A 44 7.02 4.04 -6.47
C ILE A 44 6.46 5.46 -6.50
N THR A 45 5.13 5.58 -6.58
CA THR A 45 4.50 6.91 -6.57
C THR A 45 4.76 7.63 -5.25
N ALA A 46 4.70 6.92 -4.14
CA ALA A 46 5.00 7.54 -2.84
C ALA A 46 6.41 8.14 -2.82
N ALA A 47 7.38 7.39 -3.37
CA ALA A 47 8.74 7.87 -3.39
C ALA A 47 8.94 8.96 -4.44
N LYS A 48 8.40 8.75 -5.64
CA LYS A 48 8.63 9.65 -6.77
C LYS A 48 7.87 10.97 -6.62
N ASP A 49 6.60 10.90 -6.24
CA ASP A 49 5.74 12.06 -6.27
C ASP A 49 5.44 12.66 -4.90
N PHE A 50 5.62 11.88 -3.85
CA PHE A 50 5.35 12.38 -2.50
C PHE A 50 6.61 12.45 -1.64
N ASN A 51 7.74 12.11 -2.25
CA ASN A 51 9.07 12.34 -1.66
C ASN A 51 9.31 11.61 -0.34
N VAL A 52 8.70 10.45 -0.15
CA VAL A 52 8.84 9.78 1.13
C VAL A 52 10.27 9.31 1.37
N LYS A 53 10.66 9.26 2.64
CA LYS A 53 12.02 8.84 2.95
C LYS A 53 12.22 7.35 2.71
N LYS A 54 11.14 6.58 2.79
CA LYS A 54 11.24 5.15 2.63
C LYS A 54 9.90 4.56 2.23
N ALA A 55 9.90 3.68 1.25
CA ALA A 55 8.68 3.00 0.83
C ALA A 55 9.02 1.53 0.62
N VAL A 56 8.23 0.66 1.24
CA VAL A 56 8.47 -0.77 1.20
C VAL A 56 7.24 -1.49 0.69
N GLY A 57 7.41 -2.24 -0.41
CA GLY A 57 6.33 -3.06 -0.92
C GLY A 57 6.52 -4.50 -0.50
N VAL A 58 5.47 -5.11 0.03
CA VAL A 58 5.53 -6.49 0.45
C VAL A 58 4.73 -7.32 -0.54
N GLU A 59 5.31 -8.39 -1.06
CA GLU A 59 4.67 -9.14 -2.12
C GLU A 59 5.13 -10.58 -2.11
N ILE A 60 4.19 -11.50 -2.36
CA ILE A 60 4.46 -12.92 -2.33
C ILE A 60 4.70 -13.54 -3.71
N ASN A 61 4.18 -12.89 -4.75
CA ASN A 61 4.23 -13.44 -6.10
C ASN A 61 5.50 -13.00 -6.83
N ASP A 62 6.34 -13.95 -7.24
CA ASP A 62 7.61 -13.58 -7.84
C ASP A 62 7.45 -12.88 -9.18
N GLU A 63 6.39 -13.17 -9.92
CA GLU A 63 6.12 -12.50 -11.18
C GLU A 63 5.90 -11.00 -10.93
N ARG A 64 5.13 -10.69 -9.90
CA ARG A 64 4.91 -9.30 -9.51
C ARG A 64 6.21 -8.64 -9.04
N ILE A 65 6.96 -9.36 -8.20
CA ILE A 65 8.20 -8.82 -7.66
C ILE A 65 9.20 -8.44 -8.75
N ARG A 66 9.33 -9.30 -9.75
CA ARG A 66 10.23 -9.03 -10.87
C ARG A 66 9.86 -7.72 -11.57
N GLU A 67 8.57 -7.55 -11.84
CA GLU A 67 8.02 -6.31 -12.36
C GLU A 67 8.36 -5.11 -11.50
N ALA A 68 8.03 -5.24 -10.22
CA ALA A 68 8.18 -4.15 -9.27
C ALA A 68 9.62 -3.70 -9.19
N LEU A 69 10.55 -4.66 -9.12
CA LEU A 69 11.97 -4.35 -9.05
C LEU A 69 12.44 -3.55 -10.27
N ALA A 70 12.01 -3.99 -11.45
CA ALA A 70 12.31 -3.26 -12.68
C ALA A 70 11.68 -1.87 -12.69
N ASN A 71 10.43 -1.77 -12.23
CA ASN A 71 9.75 -0.48 -12.22
C ASN A 71 10.39 0.53 -11.30
N ILE A 72 10.92 0.05 -10.17
CA ILE A 72 11.66 0.91 -9.25
C ILE A 72 12.85 1.56 -9.97
N GLU A 73 13.59 0.76 -10.73
CA GLU A 73 14.73 1.30 -11.48
C GLU A 73 14.29 2.25 -12.59
N LYS A 74 13.27 1.85 -13.35
CA LYS A 74 12.75 2.67 -14.44
C LYS A 74 12.29 4.05 -13.97
N ASN A 75 11.88 4.12 -12.70
CA ASN A 75 11.31 5.36 -12.18
C ASN A 75 12.31 6.14 -11.35
N GLY A 76 13.52 5.60 -11.24
CA GLY A 76 14.62 6.30 -10.60
C GLY A 76 14.47 6.49 -9.10
N VAL A 77 13.82 5.53 -8.44
CA VAL A 77 13.63 5.63 -6.99
C VAL A 77 14.26 4.48 -6.20
N THR A 78 15.30 3.89 -6.76
CA THR A 78 15.97 2.75 -6.10
C THR A 78 16.55 3.12 -4.74
N GLY A 79 16.84 4.40 -4.53
CA GLY A 79 17.39 4.84 -3.26
C GLY A 79 16.43 4.80 -2.09
N ARG A 80 15.12 4.78 -2.35
CA ARG A 80 14.14 4.91 -1.27
C ARG A 80 13.02 3.87 -1.30
N ALA A 81 12.87 3.17 -2.41
CA ALA A 81 11.82 2.17 -2.53
C ALA A 81 12.44 0.77 -2.62
N SER A 82 11.86 -0.19 -1.91
CA SER A 82 12.38 -1.56 -1.93
C SER A 82 11.23 -2.54 -1.83
N ILE A 83 11.54 -3.81 -2.07
CA ILE A 83 10.57 -4.89 -2.02
C ILE A 83 11.00 -5.92 -0.99
N VAL A 84 10.05 -6.35 -0.16
CA VAL A 84 10.24 -7.50 0.70
C VAL A 84 9.42 -8.66 0.14
N LYS A 85 10.10 -9.76 -0.19
CA LYS A 85 9.43 -10.95 -0.69
C LYS A 85 8.89 -11.75 0.47
N GLY A 86 7.58 -11.93 0.50
CA GLY A 86 6.98 -12.70 1.57
C GLY A 86 5.49 -12.49 1.70
N ASN A 87 4.90 -13.24 2.62
CA ASN A 87 3.50 -13.11 2.99
C ASN A 87 3.35 -11.93 3.92
N PHE A 88 2.53 -10.93 3.57
CA PHE A 88 2.54 -9.73 4.40
C PHE A 88 2.02 -9.99 5.82
N PHE A 89 1.31 -11.09 6.04
CA PHE A 89 0.90 -11.45 7.40
C PHE A 89 2.10 -11.75 8.28
N GLU A 90 3.20 -12.14 7.65
CA GLU A 90 4.40 -12.63 8.33
C GLU A 90 5.54 -11.63 8.33
N VAL A 91 5.34 -10.50 7.66
CA VAL A 91 6.38 -9.49 7.53
C VAL A 91 6.16 -8.38 8.56
N ASP A 92 7.25 -7.97 9.20
CA ASP A 92 7.25 -6.88 10.16
C ASP A 92 6.96 -5.54 9.49
N ILE A 93 5.83 -4.92 9.82
CA ILE A 93 5.49 -3.64 9.22
C ILE A 93 5.48 -2.52 10.27
N SER A 94 6.06 -2.78 11.44
CA SER A 94 5.99 -1.85 12.57
C SER A 94 6.64 -0.49 12.33
N GLU A 95 7.56 -0.39 11.37
CA GLU A 95 8.19 0.92 11.14
C GLU A 95 7.34 1.84 10.27
N ALA A 96 6.28 1.32 9.67
CA ALA A 96 5.42 2.12 8.80
C ALA A 96 4.69 3.25 9.53
N THR A 97 4.65 4.43 8.91
CA THR A 97 3.78 5.51 9.39
C THR A 97 2.53 5.58 8.55
N VAL A 98 2.59 5.01 7.35
CA VAL A 98 1.44 4.89 6.45
C VAL A 98 1.42 3.48 5.84
N VAL A 99 0.28 2.81 5.94
CA VAL A 99 0.08 1.49 5.35
C VAL A 99 -1.01 1.59 4.28
N THR A 100 -0.70 1.11 3.07
CA THR A 100 -1.68 1.10 1.99
C THR A 100 -2.08 -0.34 1.69
N PHE A 102 -4.77 -2.62 -1.22
CA PHE A 102 -5.84 -2.91 -2.18
C PHE A 102 -5.92 -4.42 -2.25
N LEU A 103 -6.88 -4.98 -1.57
CA LEU A 103 -7.00 -6.42 -1.46
C LEU A 103 -8.43 -6.83 -1.81
N LEU A 104 -8.56 -7.86 -2.64
CA LEU A 104 -9.88 -8.28 -3.14
C LEU A 104 -10.38 -9.59 -2.57
N THR A 105 -9.79 -10.04 -1.47
CA THR A 105 -10.30 -11.23 -0.80
C THR A 105 -10.70 -10.84 0.64
N ASN A 106 -11.45 -11.71 1.31
CA ASN A 106 -11.94 -11.40 2.66
C ASN A 106 -10.88 -11.66 3.73
N VAL A 107 -9.93 -10.74 3.85
CA VAL A 107 -8.83 -10.88 4.79
C VAL A 107 -8.97 -9.94 5.99
N ASN A 108 -10.20 -9.48 6.24
CA ASN A 108 -10.42 -8.50 7.31
C ASN A 108 -10.14 -9.02 8.72
N GLU A 109 -10.72 -10.16 9.06
CA GLU A 109 -10.56 -10.73 10.39
C GLU A 109 -9.10 -10.98 10.74
N LEU A 111 -6.38 -9.41 9.20
CA LEU A 111 -5.61 -8.18 9.06
C LEU A 111 -5.72 -7.26 10.28
N LYS A 112 -6.92 -7.14 10.84
CA LYS A 112 -7.15 -6.26 11.99
C LYS A 112 -6.16 -6.50 13.14
N PRO A 113 -6.03 -7.74 13.65
CA PRO A 113 -5.12 -7.88 14.78
C PRO A 113 -3.63 -7.61 14.46
N LYS A 114 -3.18 -7.90 13.25
CA LYS A 114 -1.79 -7.59 12.92
C LYS A 114 -1.56 -6.09 12.92
N LEU A 115 -2.51 -5.34 12.36
CA LEU A 115 -2.39 -3.89 12.32
C LEU A 115 -2.36 -3.27 13.72
N GLU A 116 -3.27 -3.69 14.60
CA GLU A 116 -3.32 -3.11 15.94
C GLU A 116 -2.09 -3.48 16.76
N LYS A 117 -1.53 -4.66 16.45
CA LYS A 117 -0.38 -5.14 17.20
C LYS A 117 0.89 -4.42 16.80
N GLU A 118 1.10 -4.22 15.50
CA GLU A 118 2.40 -3.74 15.01
C GLU A 118 2.48 -2.24 14.73
N LEU A 119 1.34 -1.60 14.51
CA LEU A 119 1.35 -0.18 14.14
C LEU A 119 1.24 0.75 15.36
N LYS A 120 2.08 1.78 15.39
CA LYS A 120 2.06 2.77 16.46
C LYS A 120 0.81 3.63 16.36
N PRO A 121 0.31 4.12 17.51
CA PRO A 121 -0.79 5.08 17.47
C PRO A 121 -0.49 6.25 16.53
N GLY A 122 -1.46 6.65 15.71
CA GLY A 122 -1.27 7.74 14.78
C GLY A 122 -0.89 7.29 13.38
N THR A 123 -0.51 6.02 13.24
CA THR A 123 -0.24 5.45 11.91
C THR A 123 -1.50 5.56 11.07
N ARG A 124 -1.34 5.94 9.81
CA ARG A 124 -2.49 6.02 8.91
C ARG A 124 -2.57 4.76 8.06
N VAL A 125 -3.77 4.24 7.91
CA VAL A 125 -4.03 3.08 7.05
C VAL A 125 -5.02 3.51 5.98
N VAL A 126 -4.62 3.41 4.71
CA VAL A 126 -5.51 3.84 3.64
C VAL A 126 -5.74 2.68 2.68
N SER A 127 -7.00 2.40 2.40
CA SER A 127 -7.39 1.22 1.63
C SER A 127 -8.26 1.56 0.42
N HIS A 128 -8.02 0.83 -0.66
CA HIS A 128 -8.79 0.98 -1.88
C HIS A 128 -9.88 -0.08 -1.85
N GLU A 129 -11.13 0.34 -1.66
CA GLU A 129 -12.29 -0.56 -1.63
C GLU A 129 -12.05 -1.75 -0.69
N PHE A 130 -11.43 -1.49 0.46
CA PHE A 130 -11.38 -2.51 1.49
C PHE A 130 -11.86 -1.89 2.78
N GLU A 131 -13.14 -2.10 3.08
CA GLU A 131 -13.70 -1.63 4.34
C GLU A 131 -13.22 -2.56 5.43
N ILE A 132 -12.61 -2.00 6.47
CA ILE A 132 -12.19 -2.83 7.60
C ILE A 132 -13.32 -2.90 8.66
N ARG A 133 -14.06 -4.01 8.63
CA ARG A 133 -15.19 -4.31 9.53
C ARG A 133 -14.78 -4.16 11.00
N GLY A 134 -15.54 -3.37 11.77
CA GLY A 134 -15.26 -3.18 13.18
C GLY A 134 -14.48 -1.91 13.48
N TRP A 135 -13.90 -1.32 12.45
CA TRP A 135 -13.19 -0.06 12.60
C TRP A 135 -14.02 1.10 12.08
N ASN A 136 -13.76 2.28 12.63
CA ASN A 136 -14.42 3.51 12.22
C ASN A 136 -13.49 4.35 11.36
N PRO A 137 -13.83 4.50 10.07
CA PRO A 137 -12.96 5.26 9.18
C PRO A 137 -13.00 6.76 9.48
N LYS A 138 -11.83 7.37 9.43
CA LYS A 138 -11.71 8.82 9.53
C LYS A 138 -12.30 9.47 8.28
N GLU A 139 -12.07 8.85 7.12
CA GLU A 139 -12.63 9.34 5.87
C GLU A 139 -13.08 8.18 4.98
N VAL A 140 -14.19 8.38 4.27
CA VAL A 140 -14.59 7.53 3.16
C VAL A 140 -14.78 8.44 1.97
N ILE A 141 -13.96 8.25 0.94
CA ILE A 141 -13.88 9.15 -0.19
C ILE A 141 -14.17 8.43 -1.49
N LYS A 142 -15.06 8.98 -2.29
CA LYS A 142 -15.29 8.48 -3.65
C LYS A 142 -14.34 9.17 -4.61
N VAL A 143 -13.65 8.36 -5.41
CA VAL A 143 -12.74 8.88 -6.43
C VAL A 143 -13.26 8.54 -7.82
N GLU A 144 -13.56 9.57 -8.61
CA GLU A 144 -13.97 9.41 -10.00
C GLU A 144 -12.73 9.23 -10.87
N ASP A 145 -12.73 8.22 -11.71
CA ASP A 145 -11.56 7.83 -12.50
C ASP A 145 -12.02 7.53 -13.94
N GLY A 146 -12.16 8.57 -14.74
CA GLY A 146 -12.73 8.43 -16.07
C GLY A 146 -14.16 7.92 -16.01
N ASN A 147 -14.39 6.71 -16.53
CA ASN A 147 -15.69 6.08 -16.47
C ASN A 147 -15.90 5.42 -15.12
N ASN A 149 -15.54 4.43 -10.95
CA ASN A 149 -15.61 4.99 -9.60
C ASN A 149 -14.92 4.08 -8.61
N HIS A 150 -14.39 4.68 -7.55
CA HIS A 150 -13.65 3.96 -6.54
C HIS A 150 -14.00 4.49 -5.16
N THR A 151 -13.79 3.68 -4.13
CA THR A 151 -13.93 4.13 -2.75
C THR A 151 -12.62 3.93 -2.01
N VAL A 152 -12.21 4.96 -1.29
CA VAL A 152 -11.00 4.91 -0.48
C VAL A 152 -11.38 5.14 0.99
N TYR A 153 -10.86 4.29 1.86
CA TYR A 153 -11.05 4.40 3.29
C TYR A 153 -9.77 4.84 3.98
N LEU A 154 -9.90 5.75 4.93
CA LEU A 154 -8.75 6.18 5.73
C LEU A 154 -9.02 5.85 7.19
N TYR A 155 -8.08 5.15 7.82
CA TYR A 155 -8.14 4.86 9.25
C TYR A 155 -6.93 5.45 9.94
N VAL A 156 -7.09 5.82 11.20
CA VAL A 156 -5.96 6.27 12.00
C VAL A 156 -5.88 5.39 13.23
N ILE A 157 -4.76 4.69 13.40
CA ILE A 157 -4.59 3.77 14.51
C ILE A 157 -4.70 4.51 15.84
N GLY A 158 -5.53 3.98 16.73
CA GLY A 158 -5.79 4.63 18.01
C GLY A 158 -6.71 5.82 17.81
#